data_3EWH
#
_entry.id   3EWH
#
_cell.length_a   41.319
_cell.length_b   84.380
_cell.length_c   47.404
_cell.angle_alpha   90.00
_cell.angle_beta   99.33
_cell.angle_gamma   90.00
#
_symmetry.space_group_name_H-M   'P 1 21 1'
#
loop_
_entity.id
_entity.type
_entity.pdbx_description
1 polymer 'vascular endothelial growth factor receptor 2'
2 non-polymer N-[4-({3-[2-(methylamino)pyrimidin-4-yl]pyridin-2-yl}oxy)naphthalen-1-yl]-6-(trifluoromethyl)-1H-benzimidazol-2-amine
3 non-polymer 1,2-ETHANEDIOL
4 water water
#
_entity_poly.entity_id   1
_entity_poly.type   'polypeptide(L)'
_entity_poly.pdbx_seq_one_letter_code
;EHAERLPYDASKWEFPRDRLKLGKPLGRGAFGQVIEADAFGIDKTATCRTVAVKMLKEGATHSEHRALMSELKILIHIGH
HLNVVNLLGACTKPGGPLMVITEFCKFGNLSTYLRSKRNEFVPYKVAPEDLYKDFLTLEHLICYSFQVAKGMEFLASRKC
IHRDLAARNILLSEKNVVKICDFGLARDIYKDPDYVRKGDARLPLKWMAPETIFDRVYTIQSDVWSFGVLLWEIFSLGAS
PYPGVKIDEEFCRRLKEGTRMRAPDYTTPEMYQTMLDCWHGEPSQRPTFSELVEHLGNLLQANAQQDRHHHHHH
;
_entity_poly.pdbx_strand_id   A
#
# COMPACT_ATOMS: atom_id res chain seq x y z
N GLU A 1 -20.25 -9.83 8.29
CA GLU A 1 -19.06 -9.98 9.20
C GLU A 1 -18.80 -11.44 9.57
N HIS A 2 -18.12 -11.65 10.70
CA HIS A 2 -17.71 -12.97 11.18
C HIS A 2 -16.95 -13.79 10.12
N ALA A 3 -16.03 -13.11 9.43
CA ALA A 3 -15.23 -13.71 8.37
C ALA A 3 -14.45 -14.96 8.82
N GLU A 4 -14.15 -15.03 10.11
CA GLU A 4 -13.43 -16.18 10.67
C GLU A 4 -14.15 -17.52 10.46
N ARG A 5 -15.45 -17.45 10.18
CA ARG A 5 -16.31 -18.63 10.03
C ARG A 5 -16.29 -19.23 8.63
N LEU A 6 -15.57 -18.58 7.71
CA LEU A 6 -15.53 -19.06 6.32
C LEU A 6 -14.80 -20.40 6.22
N PRO A 7 -15.25 -21.27 5.29
CA PRO A 7 -14.57 -22.56 5.10
C PRO A 7 -13.08 -22.38 4.79
N TYR A 8 -12.25 -23.22 5.40
CA TYR A 8 -10.80 -23.14 5.25
C TYR A 8 -10.27 -24.35 4.48
N ASP A 9 -9.71 -24.10 3.30
CA ASP A 9 -9.10 -25.16 2.49
C ASP A 9 -7.69 -25.41 3.01
N ALA A 10 -7.58 -26.33 3.97
CA ALA A 10 -6.29 -26.63 4.61
C ALA A 10 -5.28 -27.23 3.63
N SER A 11 -5.76 -28.01 2.66
CA SER A 11 -4.87 -28.57 1.63
C SER A 11 -4.15 -27.47 0.83
N LYS A 12 -4.84 -26.37 0.60
CA LYS A 12 -4.26 -25.24 -0.14
C LYS A 12 -3.34 -24.39 0.73
N TRP A 13 -3.79 -24.07 1.95
CA TRP A 13 -3.19 -23.00 2.74
C TRP A 13 -2.29 -23.41 3.89
N GLU A 14 -2.56 -24.57 4.49
CA GLU A 14 -1.86 -24.97 5.72
C GLU A 14 -0.38 -25.27 5.45
N PHE A 15 0.49 -24.66 6.23
CA PHE A 15 1.92 -24.84 6.10
C PHE A 15 2.52 -25.33 7.42
N PRO A 16 3.42 -26.34 7.37
CA PRO A 16 4.01 -26.85 8.62
C PRO A 16 4.91 -25.85 9.34
N ARG A 17 4.68 -25.66 10.64
CA ARG A 17 5.49 -24.73 11.43
C ARG A 17 6.98 -25.09 11.41
N ASP A 18 7.29 -26.38 11.35
CA ASP A 18 8.69 -26.82 11.38
C ASP A 18 9.42 -26.65 10.04
N ARG A 19 8.72 -26.10 9.05
CA ARG A 19 9.32 -25.75 7.76
C ARG A 19 9.63 -24.25 7.65
N LEU A 20 9.57 -23.56 8.79
CA LEU A 20 9.94 -22.15 8.89
C LEU A 20 11.22 -21.96 9.70
N LYS A 21 12.12 -21.15 9.16
CA LYS A 21 13.28 -20.66 9.89
C LYS A 21 13.00 -19.21 10.27
N LEU A 22 12.76 -18.98 11.56
CA LEU A 22 12.34 -17.67 12.05
C LEU A 22 13.54 -16.73 12.21
N GLY A 23 13.38 -15.50 11.73
CA GLY A 23 14.44 -14.51 11.74
C GLY A 23 14.03 -13.22 12.44
N LYS A 24 14.57 -12.11 11.95
CA LYS A 24 14.47 -10.83 12.65
C LYS A 24 13.03 -10.32 12.76
N PRO A 25 12.71 -9.65 13.88
CA PRO A 25 11.39 -9.03 13.99
C PRO A 25 11.22 -7.90 12.97
N LEU A 26 10.03 -7.80 12.41
CA LEU A 26 9.68 -6.76 11.43
C LEU A 26 8.74 -5.71 11.99
N GLY A 27 7.98 -6.06 13.02
CA GLY A 27 7.01 -5.16 13.60
C GLY A 27 6.11 -5.84 14.60
N ARG A 28 5.51 -5.04 15.47
CA ARG A 28 4.66 -5.57 16.52
C ARG A 28 3.33 -4.84 16.49
N GLY A 29 2.26 -5.57 16.77
CA GLY A 29 0.93 -4.99 16.91
C GLY A 29 0.22 -5.55 18.13
N ALA A 30 -1.04 -5.20 18.29
CA ALA A 30 -1.88 -5.71 19.38
C ALA A 30 -2.06 -7.23 19.32
N PHE A 31 -1.99 -7.77 18.11
CA PHE A 31 -2.15 -9.21 17.85
C PHE A 31 -1.00 -10.07 18.36
N GLY A 32 0.18 -9.48 18.43
CA GLY A 32 1.43 -10.21 18.60
C GLY A 32 2.49 -9.53 17.76
N GLN A 33 3.21 -10.32 16.96
CA GLN A 33 4.29 -9.73 16.16
C GLN A 33 4.43 -10.32 14.76
N VAL A 34 5.10 -9.56 13.90
CA VAL A 34 5.42 -10.00 12.56
C VAL A 34 6.92 -10.22 12.52
N ILE A 35 7.33 -11.39 12.05
CA ILE A 35 8.75 -11.71 11.97
C ILE A 35 9.11 -12.22 10.58
N GLU A 36 10.32 -11.92 10.16
CA GLU A 36 10.84 -12.44 8.91
C GLU A 36 11.15 -13.92 9.10
N ALA A 37 10.92 -14.70 8.06
CA ALA A 37 11.28 -16.12 8.07
C ALA A 37 11.64 -16.60 6.67
N ASP A 38 12.37 -17.70 6.62
CA ASP A 38 12.54 -18.44 5.38
C ASP A 38 11.66 -19.70 5.44
N ALA A 39 10.85 -19.88 4.40
CA ALA A 39 9.92 -21.01 4.31
C ALA A 39 10.39 -21.97 3.23
N PHE A 40 10.34 -23.25 3.56
CA PHE A 40 10.82 -24.29 2.67
C PHE A 40 9.64 -25.09 2.12
N GLY A 41 9.41 -24.93 0.82
CA GLY A 41 8.35 -25.64 0.11
C GLY A 41 6.97 -25.01 0.20
N ILE A 42 6.91 -23.69 0.42
CA ILE A 42 5.63 -22.99 0.56
C ILE A 42 4.86 -22.86 -0.75
N ASP A 43 5.58 -22.80 -1.88
CA ASP A 43 4.96 -22.64 -3.19
C ASP A 43 4.39 -23.96 -3.72
N THR A 47 11.98 -25.58 -2.76
CA THR A 47 12.64 -24.29 -2.83
C THR A 47 12.53 -23.54 -1.50
N CYS A 48 13.36 -22.50 -1.36
CA CYS A 48 13.31 -21.61 -0.20
C CYS A 48 12.74 -20.26 -0.61
N ARG A 49 11.89 -19.69 0.24
CA ARG A 49 11.32 -18.38 -0.01
C ARG A 49 11.26 -17.57 1.29
N THR A 50 11.71 -16.32 1.23
CA THR A 50 11.61 -15.44 2.40
C THR A 50 10.20 -14.88 2.51
N VAL A 51 9.68 -14.90 3.74
CA VAL A 51 8.29 -14.54 4.02
C VAL A 51 8.21 -13.64 5.27
N ALA A 52 7.05 -13.03 5.48
CA ALA A 52 6.76 -12.30 6.70
C ALA A 52 5.66 -13.05 7.41
N VAL A 53 5.86 -13.35 8.69
CA VAL A 53 4.93 -14.19 9.43
C VAL A 53 4.31 -13.41 10.56
N LYS A 54 2.99 -13.24 10.51
CA LYS A 54 2.28 -12.59 11.59
C LYS A 54 1.82 -13.67 12.58
N MET A 55 2.30 -13.58 13.82
CA MET A 55 1.94 -14.60 14.79
C MET A 55 1.21 -14.09 16.01
N LEU A 56 0.12 -14.79 16.36
CA LEU A 56 -0.69 -14.43 17.51
C LEU A 56 0.12 -14.61 18.78
N LYS A 57 0.09 -13.60 19.64
CA LYS A 57 0.78 -13.67 20.92
C LYS A 57 0.15 -14.74 21.81
N GLU A 58 0.98 -15.31 22.68
CA GLU A 58 0.49 -16.21 23.72
C GLU A 58 -0.37 -15.40 24.69
N GLY A 59 -1.41 -16.04 25.21
CA GLY A 59 -2.33 -15.39 26.15
C GLY A 59 -3.23 -14.34 25.51
N ALA A 60 -3.44 -14.46 24.20
CA ALA A 60 -4.32 -13.55 23.48
C ALA A 60 -5.76 -13.77 23.91
N THR A 61 -6.57 -12.72 23.85
CA THR A 61 -7.99 -12.82 24.17
C THR A 61 -8.72 -13.48 23.00
N HIS A 62 -9.94 -13.92 23.26
CA HIS A 62 -10.80 -14.48 22.21
C HIS A 62 -10.98 -13.49 21.06
N SER A 63 -11.24 -12.22 21.39
CA SER A 63 -11.43 -11.17 20.39
C SER A 63 -10.18 -10.95 19.52
N GLU A 64 -9.01 -10.95 20.15
CA GLU A 64 -7.73 -10.84 19.45
C GLU A 64 -7.52 -12.03 18.49
N HIS A 65 -7.74 -13.24 19.01
CA HIS A 65 -7.63 -14.47 18.23
C HIS A 65 -8.61 -14.45 17.04
N ARG A 66 -9.87 -14.13 17.33
CA ARG A 66 -10.90 -14.03 16.30
C ARG A 66 -10.50 -13.04 15.20
N ALA A 67 -9.95 -11.89 15.62
CA ALA A 67 -9.52 -10.84 14.70
C ALA A 67 -8.44 -11.32 13.71
N LEU A 68 -7.44 -12.05 14.20
CA LEU A 68 -6.39 -12.57 13.31
C LEU A 68 -6.93 -13.64 12.36
N MET A 69 -7.81 -14.52 12.85
CA MET A 69 -8.43 -15.51 11.96
C MET A 69 -9.30 -14.84 10.90
N SER A 70 -10.04 -13.81 11.31
CA SER A 70 -10.82 -13.01 10.37
C SER A 70 -9.93 -12.42 9.28
N GLU A 71 -8.79 -11.86 9.69
CA GLU A 71 -7.82 -11.30 8.74
C GLU A 71 -7.36 -12.34 7.71
N LEU A 72 -6.99 -13.53 8.20
CA LEU A 72 -6.60 -14.63 7.33
C LEU A 72 -7.69 -14.93 6.31
N LYS A 73 -8.93 -15.05 6.80
CA LYS A 73 -10.05 -15.38 5.93
C LYS A 73 -10.38 -14.27 4.94
N ILE A 74 -10.17 -13.03 5.36
CA ILE A 74 -10.37 -11.87 4.47
C ILE A 74 -9.36 -11.89 3.32
N LEU A 75 -8.10 -12.16 3.64
CA LEU A 75 -7.06 -12.27 2.61
C LEU A 75 -7.33 -13.41 1.64
N ILE A 76 -7.82 -14.54 2.16
CA ILE A 76 -8.18 -15.67 1.30
C ILE A 76 -9.35 -15.30 0.39
N HIS A 77 -10.37 -14.65 0.97
CA HIS A 77 -11.59 -14.28 0.24
C HIS A 77 -11.29 -13.31 -0.89
N ILE A 78 -10.49 -12.29 -0.60
CA ILE A 78 -10.10 -11.30 -1.61
C ILE A 78 -9.47 -11.97 -2.83
N GLY A 79 -8.52 -12.87 -2.59
CA GLY A 79 -7.85 -13.59 -3.67
C GLY A 79 -6.59 -12.88 -4.18
N HIS A 80 -5.93 -13.52 -5.13
CA HIS A 80 -4.61 -13.10 -5.59
C HIS A 80 -4.64 -11.93 -6.57
N HIS A 81 -3.77 -10.95 -6.31
CA HIS A 81 -3.44 -9.93 -7.32
C HIS A 81 -1.97 -9.53 -7.16
N LEU A 82 -1.31 -9.23 -8.27
CA LEU A 82 0.11 -8.85 -8.24
C LEU A 82 0.38 -7.69 -7.27
N ASN A 83 -0.57 -6.75 -7.22
CA ASN A 83 -0.39 -5.51 -6.47
C ASN A 83 -1.10 -5.46 -5.10
N VAL A 84 -1.43 -6.64 -4.57
CA VAL A 84 -1.93 -6.76 -3.20
C VAL A 84 -1.03 -7.77 -2.50
N VAL A 85 -0.55 -7.44 -1.30
CA VAL A 85 0.39 -8.32 -0.59
C VAL A 85 -0.08 -9.78 -0.66
N ASN A 86 0.81 -10.67 -1.09
CA ASN A 86 0.43 -12.04 -1.45
C ASN A 86 0.40 -12.96 -0.23
N LEU A 87 -0.79 -13.45 0.12
CA LEU A 87 -0.92 -14.50 1.13
C LEU A 87 -0.38 -15.83 0.59
N LEU A 88 0.51 -16.46 1.35
CA LEU A 88 1.18 -17.69 0.90
C LEU A 88 0.80 -18.93 1.69
N GLY A 89 0.45 -18.74 2.96
CA GLY A 89 0.06 -19.87 3.79
C GLY A 89 -0.36 -19.43 5.17
N ALA A 90 -0.73 -20.41 5.98
CA ALA A 90 -1.05 -20.16 7.38
C ALA A 90 -0.75 -21.38 8.21
N CYS A 91 -0.54 -21.17 9.51
CA CYS A 91 -0.42 -22.25 10.47
C CYS A 91 -1.55 -22.09 11.49
N THR A 92 -2.52 -23.00 11.40
CA THR A 92 -3.76 -22.91 12.20
C THR A 92 -3.97 -24.11 13.12
N LYS A 93 -3.37 -25.25 12.77
CA LYS A 93 -3.59 -26.48 13.53
C LYS A 93 -2.94 -26.43 14.92
N PRO A 94 -3.43 -27.24 15.88
CA PRO A 94 -2.82 -27.32 17.21
C PRO A 94 -1.31 -27.58 17.20
N GLY A 95 -0.63 -27.15 18.27
CA GLY A 95 0.79 -27.40 18.44
C GLY A 95 1.69 -26.18 18.36
N GLY A 96 1.09 -25.02 18.06
CA GLY A 96 1.83 -23.76 17.96
C GLY A 96 0.88 -22.60 17.75
N PRO A 97 1.43 -21.37 17.67
CA PRO A 97 0.56 -20.20 17.51
C PRO A 97 -0.11 -20.13 16.14
N LEU A 98 -1.22 -19.41 16.08
CA LEU A 98 -1.83 -19.02 14.81
C LEU A 98 -0.86 -18.12 14.07
N MET A 99 -0.59 -18.46 12.81
CA MET A 99 0.38 -17.74 12.00
C MET A 99 -0.18 -17.49 10.61
N VAL A 100 0.01 -16.26 10.13
CA VAL A 100 -0.44 -15.86 8.81
C VAL A 100 0.80 -15.44 8.02
N ILE A 101 1.01 -16.08 6.88
CA ILE A 101 2.27 -15.96 6.13
C ILE A 101 2.07 -15.27 4.79
N THR A 102 2.78 -14.15 4.60
CA THR A 102 2.75 -13.42 3.33
C THR A 102 4.13 -13.32 2.70
N GLU A 103 4.18 -12.99 1.41
CA GLU A 103 5.44 -12.76 0.71
C GLU A 103 6.23 -11.63 1.36
N PHE A 104 7.54 -11.79 1.41
CA PHE A 104 8.42 -10.74 1.91
C PHE A 104 8.75 -9.78 0.78
N CYS A 105 8.64 -8.49 1.08
CA CYS A 105 8.94 -7.42 0.13
C CYS A 105 10.22 -6.71 0.53
N LYS A 106 11.27 -7.00 -0.25
CA LYS A 106 12.66 -6.65 0.08
C LYS A 106 12.89 -5.21 0.54
N PHE A 107 12.21 -4.26 -0.11
CA PHE A 107 12.52 -2.85 0.10
C PHE A 107 11.62 -2.16 1.12
N GLY A 108 10.70 -2.91 1.73
CA GLY A 108 9.87 -2.37 2.79
C GLY A 108 8.86 -1.35 2.32
N ASN A 109 8.37 -0.51 3.22
CA ASN A 109 7.32 0.43 2.86
C ASN A 109 7.79 1.53 1.89
N LEU A 110 6.88 1.95 1.03
CA LEU A 110 7.23 2.88 -0.06
C LEU A 110 7.67 4.25 0.41
N SER A 111 7.05 4.76 1.48
CA SER A 111 7.41 6.10 1.97
C SER A 111 8.90 6.15 2.36
N THR A 112 9.31 5.23 3.25
CA THR A 112 10.69 5.14 3.70
C THR A 112 11.65 4.91 2.53
N TYR A 113 11.27 4.00 1.62
CA TYR A 113 12.11 3.72 0.47
C TYR A 113 12.35 4.97 -0.39
N LEU A 114 11.28 5.66 -0.75
CA LEU A 114 11.40 6.84 -1.60
C LEU A 114 12.26 7.92 -0.95
N ARG A 115 12.09 8.09 0.36
CA ARG A 115 12.90 9.04 1.12
C ARG A 115 14.38 8.69 1.03
N SER A 116 14.70 7.40 0.95
CA SER A 116 16.08 6.94 0.87
C SER A 116 16.71 7.17 -0.50
N LYS A 117 15.89 7.55 -1.48
CA LYS A 117 16.35 7.66 -2.88
C LYS A 117 16.46 9.10 -3.40
N ARG A 118 16.39 10.09 -2.50
CA ARG A 118 16.37 11.49 -2.92
C ARG A 118 17.65 11.97 -3.63
N ASN A 119 18.78 11.33 -3.32
CA ASN A 119 20.05 11.59 -4.00
C ASN A 119 20.29 10.60 -5.14
N GLU A 120 19.27 9.79 -5.42
CA GLU A 120 19.35 8.76 -6.47
C GLU A 120 18.11 8.82 -7.36
N PHE A 121 17.77 10.05 -7.76
CA PHE A 121 16.66 10.30 -8.67
C PHE A 121 17.06 11.22 -9.82
N VAL A 122 16.69 10.82 -11.04
CA VAL A 122 16.73 11.73 -12.19
C VAL A 122 15.42 11.58 -12.99
N PRO A 123 14.93 12.68 -13.58
CA PRO A 123 13.67 12.56 -14.34
C PRO A 123 13.69 11.40 -15.35
N TYR A 124 14.78 11.25 -16.09
CA TYR A 124 14.99 10.11 -16.97
C TYR A 124 16.48 9.94 -17.20
N LYS A 125 16.91 8.71 -17.44
CA LYS A 125 18.32 8.44 -17.74
C LYS A 125 18.70 8.96 -19.12
N VAL A 126 19.98 9.31 -19.26
CA VAL A 126 20.59 9.67 -20.53
C VAL A 126 21.87 8.85 -20.64
N ALA A 127 22.21 8.41 -21.86
CA ALA A 127 23.42 7.62 -22.07
C ALA A 127 24.68 8.48 -21.89
N PRO A 128 25.72 7.96 -21.21
CA PRO A 128 25.83 6.62 -20.60
C PRO A 128 24.97 6.44 -19.35
N GLU A 129 24.12 5.42 -19.37
CA GLU A 129 23.12 5.23 -18.32
C GLU A 129 23.70 4.72 -16.99
N ASP A 130 24.95 4.25 -17.02
CA ASP A 130 25.60 3.74 -15.81
C ASP A 130 25.84 4.83 -14.76
N LEU A 131 25.78 6.09 -15.19
CA LEU A 131 25.83 7.23 -14.28
C LEU A 131 24.61 7.23 -13.35
N TYR A 132 23.56 6.53 -13.75
CA TYR A 132 22.30 6.51 -13.00
C TYR A 132 21.88 5.11 -12.57
N LYS A 133 22.86 4.26 -12.30
CA LYS A 133 22.61 2.88 -11.89
C LYS A 133 21.75 2.86 -10.63
N ASP A 134 20.64 2.14 -10.72
CA ASP A 134 19.67 1.98 -9.62
C ASP A 134 18.97 3.26 -9.20
N PHE A 135 19.05 4.31 -10.02
CA PHE A 135 18.31 5.53 -9.76
C PHE A 135 16.82 5.34 -10.01
N LEU A 136 16.02 6.07 -9.25
CA LEU A 136 14.61 6.23 -9.59
C LEU A 136 14.45 7.28 -10.67
N THR A 137 13.42 7.10 -11.49
CA THR A 137 13.07 8.04 -12.55
C THR A 137 11.57 8.32 -12.50
N LEU A 138 11.11 9.29 -13.29
CA LEU A 138 9.68 9.55 -13.42
C LEU A 138 8.94 8.28 -13.85
N GLU A 139 9.55 7.51 -14.74
CA GLU A 139 8.98 6.24 -15.18
C GLU A 139 8.67 5.32 -14.00
N HIS A 140 9.61 5.18 -13.07
CA HIS A 140 9.41 4.40 -11.84
C HIS A 140 8.23 4.94 -11.04
N LEU A 141 8.19 6.25 -10.83
CA LEU A 141 7.16 6.87 -10.00
C LEU A 141 5.76 6.71 -10.60
N ILE A 142 5.64 6.91 -11.91
CA ILE A 142 4.35 6.68 -12.59
C ILE A 142 3.98 5.20 -12.55
N CYS A 143 4.99 4.34 -12.70
CA CYS A 143 4.78 2.90 -12.63
C CYS A 143 4.23 2.47 -11.26
N TYR A 144 4.82 2.99 -10.17
CA TYR A 144 4.28 2.70 -8.83
C TYR A 144 2.83 3.15 -8.70
N SER A 145 2.57 4.35 -9.21
CA SER A 145 1.24 4.97 -9.17
C SER A 145 0.21 4.08 -9.90
N PHE A 146 0.58 3.69 -11.11
CA PHE A 146 -0.24 2.82 -11.95
C PHE A 146 -0.56 1.50 -11.22
N GLN A 147 0.47 0.89 -10.61
CA GLN A 147 0.30 -0.39 -9.93
C GLN A 147 -0.65 -0.28 -8.75
N VAL A 148 -0.51 0.79 -7.96
CA VAL A 148 -1.41 0.98 -6.80
C VAL A 148 -2.84 1.14 -7.32
N ALA A 149 -3.01 1.92 -8.39
CA ALA A 149 -4.33 2.09 -8.98
C ALA A 149 -4.90 0.73 -9.43
N LYS A 150 -4.06 -0.09 -10.08
CA LYS A 150 -4.46 -1.45 -10.48
C LYS A 150 -4.90 -2.28 -9.28
N GLY A 151 -4.11 -2.24 -8.20
CA GLY A 151 -4.44 -2.97 -6.99
C GLY A 151 -5.77 -2.54 -6.41
N MET A 152 -6.00 -1.23 -6.40
CA MET A 152 -7.21 -0.67 -5.85
C MET A 152 -8.42 -0.98 -6.73
N GLU A 153 -8.21 -0.94 -8.05
CA GLU A 153 -9.25 -1.35 -8.98
C GLU A 153 -9.67 -2.79 -8.67
N PHE A 154 -8.68 -3.66 -8.45
CA PHE A 154 -8.92 -5.06 -8.09
C PHE A 154 -9.70 -5.16 -6.77
N LEU A 155 -9.25 -4.44 -5.75
CA LEU A 155 -9.94 -4.47 -4.46
C LEU A 155 -11.40 -4.01 -4.58
N ALA A 156 -11.64 -2.98 -5.38
CA ALA A 156 -12.99 -2.49 -5.65
C ALA A 156 -13.86 -3.56 -6.31
N SER A 157 -13.27 -4.29 -7.26
CA SER A 157 -13.97 -5.37 -7.95
C SER A 157 -14.34 -6.50 -7.00
N ARG A 158 -13.59 -6.61 -5.91
CA ARG A 158 -13.86 -7.60 -4.86
C ARG A 158 -14.81 -7.05 -3.80
N LYS A 159 -15.36 -5.86 -4.06
CA LYS A 159 -16.27 -5.14 -3.16
C LYS A 159 -15.63 -4.77 -1.82
N CYS A 160 -14.34 -4.44 -1.88
CA CYS A 160 -13.57 -3.99 -0.73
C CYS A 160 -13.38 -2.48 -0.73
N ILE A 161 -13.21 -1.94 0.48
CA ILE A 161 -12.81 -0.56 0.71
C ILE A 161 -11.60 -0.60 1.65
N HIS A 162 -10.50 0.04 1.26
CA HIS A 162 -9.26 -0.05 2.03
C HIS A 162 -9.34 0.72 3.36
N ARG A 163 -9.74 1.99 3.28
CA ARG A 163 -9.92 2.90 4.44
C ARG A 163 -8.64 3.49 5.05
N ASP A 164 -7.48 3.00 4.63
CA ASP A 164 -6.21 3.56 5.13
C ASP A 164 -5.11 3.57 4.05
N LEU A 165 -5.48 3.97 2.85
CA LEU A 165 -4.53 4.00 1.74
C LEU A 165 -3.53 5.13 1.94
N ALA A 166 -2.25 4.80 1.88
CA ALA A 166 -1.15 5.75 2.13
C ALA A 166 0.13 5.04 1.73
N ALA A 167 1.20 5.81 1.49
CA ALA A 167 2.47 5.24 1.02
C ALA A 167 3.06 4.25 2.04
N ARG A 168 2.84 4.51 3.33
CA ARG A 168 3.30 3.61 4.41
C ARG A 168 2.65 2.23 4.32
N ASN A 169 1.52 2.16 3.62
CA ASN A 169 0.79 0.92 3.43
C ASN A 169 1.04 0.28 2.06
N ILE A 170 2.10 0.73 1.39
CA ILE A 170 2.54 0.11 0.14
C ILE A 170 3.92 -0.51 0.36
N LEU A 171 4.07 -1.76 -0.04
CA LEU A 171 5.34 -2.46 0.10
C LEU A 171 6.01 -2.59 -1.27
N LEU A 172 7.32 -2.43 -1.30
CA LEU A 172 8.07 -2.57 -2.55
C LEU A 172 8.88 -3.87 -2.58
N SER A 173 8.61 -4.69 -3.59
CA SER A 173 9.32 -5.95 -3.81
C SER A 173 10.36 -5.76 -4.91
N GLU A 174 10.91 -6.86 -5.41
CA GLU A 174 11.82 -6.83 -6.55
C GLU A 174 11.09 -6.50 -7.85
N LYS A 175 11.85 -6.17 -8.90
CA LYS A 175 11.32 -5.87 -10.24
C LYS A 175 10.31 -4.71 -10.19
N ASN A 176 10.54 -3.80 -9.25
CA ASN A 176 9.70 -2.61 -9.02
C ASN A 176 8.20 -2.87 -8.83
N VAL A 177 7.88 -4.06 -8.32
CA VAL A 177 6.50 -4.42 -8.04
C VAL A 177 6.10 -3.91 -6.65
N VAL A 178 5.01 -3.14 -6.61
CA VAL A 178 4.46 -2.66 -5.35
C VAL A 178 3.20 -3.43 -4.96
N LYS A 179 2.97 -3.48 -3.65
CA LYS A 179 1.90 -4.30 -3.08
C LYS A 179 1.16 -3.50 -2.01
N ILE A 180 -0.15 -3.44 -2.17
CA ILE A 180 -1.02 -2.80 -1.19
C ILE A 180 -1.17 -3.72 0.02
N CYS A 181 -0.96 -3.15 1.21
CA CYS A 181 -1.25 -3.87 2.45
C CYS A 181 -2.03 -3.00 3.44
N ASP A 182 -2.33 -3.57 4.59
CA ASP A 182 -2.89 -2.82 5.71
C ASP A 182 -2.15 -3.25 6.96
N PHE A 183 -1.23 -2.40 7.40
CA PHE A 183 -0.43 -2.66 8.60
C PHE A 183 -1.28 -2.57 9.87
N GLY A 184 -2.52 -2.09 9.73
CA GLY A 184 -3.48 -2.00 10.84
C GLY A 184 -3.11 -1.00 11.91
N LEU A 185 -2.47 0.10 11.50
CA LEU A 185 -2.03 1.14 12.45
C LEU A 185 -3.19 1.96 13.03
N ALA A 186 -4.34 1.92 12.36
CA ALA A 186 -5.56 2.54 12.88
C ALA A 186 -6.11 1.77 14.08
N ARG A 187 -5.80 0.48 14.13
CA ARG A 187 -6.29 -0.41 15.18
C ARG A 187 -5.14 -0.97 16.01
N ASP A 192 1.48 6.66 16.77
CA ASP A 192 2.09 6.92 15.47
C ASP A 192 1.71 8.32 14.97
N PRO A 193 2.72 9.09 14.50
CA PRO A 193 2.52 10.49 14.09
C PRO A 193 1.55 10.70 12.93
N ASP A 194 1.29 9.67 12.15
CA ASP A 194 0.35 9.75 11.03
C ASP A 194 -1.11 9.60 11.47
N TYR A 195 -1.30 9.22 12.73
CA TYR A 195 -2.63 8.95 13.26
C TYR A 195 -2.93 9.80 14.48
N VAL A 196 -3.94 10.65 14.37
CA VAL A 196 -4.35 11.53 15.47
C VAL A 196 -5.42 10.83 16.31
N ARG A 197 -5.16 10.72 17.61
CA ARG A 197 -6.05 10.03 18.55
C ARG A 197 -7.37 10.77 18.74
N LEU A 203 -6.79 8.36 13.87
CA LEU A 203 -7.28 8.58 12.51
C LEU A 203 -6.20 9.16 11.62
N PRO A 204 -5.99 8.57 10.43
CA PRO A 204 -5.01 9.13 9.48
C PRO A 204 -5.58 10.38 8.78
N LEU A 205 -5.73 11.46 9.55
CA LEU A 205 -6.45 12.64 9.08
C LEU A 205 -5.91 13.24 7.78
N LYS A 206 -4.59 13.19 7.59
CA LYS A 206 -3.97 13.76 6.38
C LYS A 206 -4.33 13.04 5.09
N TRP A 207 -4.84 11.81 5.21
CA TRP A 207 -5.20 11.00 4.06
C TRP A 207 -6.71 10.89 3.86
N MET A 208 -7.48 11.49 4.78
CA MET A 208 -8.93 11.30 4.78
C MET A 208 -9.70 12.35 3.98
N ALA A 209 -10.66 11.87 3.19
CA ALA A 209 -11.56 12.76 2.44
C ALA A 209 -12.40 13.60 3.40
N PRO A 210 -12.85 14.79 2.97
CA PRO A 210 -13.67 15.62 3.87
C PRO A 210 -14.91 14.89 4.41
N GLU A 211 -15.57 14.07 3.59
CA GLU A 211 -16.76 13.36 4.06
C GLU A 211 -16.42 12.31 5.13
N THR A 212 -15.18 11.82 5.09
CA THR A 212 -14.68 10.87 6.06
C THR A 212 -14.35 11.55 7.39
N ILE A 213 -13.68 12.70 7.31
CA ILE A 213 -13.32 13.46 8.51
C ILE A 213 -14.58 13.90 9.27
N PHE A 214 -15.49 14.54 8.55
CA PHE A 214 -16.65 15.16 9.19
C PHE A 214 -17.77 14.18 9.53
N ASP A 215 -17.95 13.17 8.69
CA ASP A 215 -19.12 12.29 8.82
C ASP A 215 -18.84 10.80 8.87
N ARG A 216 -17.56 10.45 8.96
CA ARG A 216 -17.14 9.05 9.09
C ARG A 216 -17.67 8.18 7.96
N VAL A 217 -17.80 8.78 6.77
CA VAL A 217 -18.22 8.08 5.56
C VAL A 217 -16.99 7.50 4.87
N TYR A 218 -16.96 6.18 4.70
CA TYR A 218 -15.92 5.47 3.96
C TYR A 218 -16.51 4.77 2.75
N THR A 219 -16.01 5.13 1.57
CA THR A 219 -16.42 4.51 0.31
C THR A 219 -15.19 4.31 -0.57
N ILE A 220 -15.36 3.63 -1.70
CA ILE A 220 -14.26 3.54 -2.67
C ILE A 220 -13.84 4.94 -3.17
N GLN A 221 -14.79 5.88 -3.22
CA GLN A 221 -14.45 7.23 -3.64
C GLN A 221 -13.66 8.03 -2.60
N SER A 222 -13.83 7.72 -1.31
CA SER A 222 -12.93 8.31 -0.31
C SER A 222 -11.53 7.67 -0.39
N ASP A 223 -11.46 6.40 -0.75
CA ASP A 223 -10.16 5.77 -1.07
C ASP A 223 -9.45 6.51 -2.22
N VAL A 224 -10.22 6.98 -3.20
CA VAL A 224 -9.66 7.76 -4.33
C VAL A 224 -9.00 9.04 -3.81
N TRP A 225 -9.66 9.73 -2.88
CA TRP A 225 -9.05 10.89 -2.22
C TRP A 225 -7.71 10.50 -1.61
N SER A 226 -7.72 9.42 -0.83
CA SER A 226 -6.49 8.93 -0.19
C SER A 226 -5.41 8.63 -1.24
N PHE A 227 -5.83 8.03 -2.36
CA PHE A 227 -4.91 7.75 -3.47
C PHE A 227 -4.23 9.03 -3.98
N GLY A 228 -4.98 10.12 -4.03
CA GLY A 228 -4.44 11.43 -4.38
C GLY A 228 -3.32 11.85 -3.45
N VAL A 229 -3.55 11.65 -2.16
CA VAL A 229 -2.53 11.97 -1.17
C VAL A 229 -1.31 11.06 -1.35
N LEU A 230 -1.55 9.77 -1.58
CA LEU A 230 -0.51 8.80 -1.91
C LEU A 230 0.32 9.25 -3.13
N LEU A 231 -0.35 9.74 -4.18
CA LEU A 231 0.35 10.30 -5.35
C LEU A 231 1.28 11.44 -4.95
N TRP A 232 0.80 12.33 -4.08
CA TRP A 232 1.62 13.42 -3.58
C TRP A 232 2.85 12.87 -2.85
N GLU A 233 2.64 11.84 -2.03
CA GLU A 233 3.75 11.17 -1.36
C GLU A 233 4.78 10.61 -2.34
N ILE A 234 4.30 9.97 -3.41
CA ILE A 234 5.21 9.41 -4.40
C ILE A 234 6.03 10.51 -5.09
N PHE A 235 5.35 11.57 -5.54
CA PHE A 235 6.01 12.62 -6.32
C PHE A 235 6.73 13.70 -5.48
N SER A 236 6.77 13.47 -4.17
CA SER A 236 7.61 14.21 -3.25
C SER A 236 8.75 13.32 -2.74
N LEU A 237 8.85 12.11 -3.28
CA LEU A 237 9.80 11.11 -2.81
C LEU A 237 9.70 10.91 -1.29
N GLY A 238 8.48 10.65 -0.83
CA GLY A 238 8.25 10.21 0.54
C GLY A 238 8.13 11.31 1.59
N ALA A 239 7.80 12.53 1.18
CA ALA A 239 7.55 13.59 2.15
C ALA A 239 6.26 13.33 2.92
N SER A 240 6.13 13.96 4.09
CA SER A 240 4.90 13.89 4.85
C SER A 240 3.92 14.94 4.32
N PRO A 241 2.66 14.54 4.06
CA PRO A 241 1.66 15.47 3.53
C PRO A 241 1.45 16.74 4.39
N TYR A 242 0.98 17.79 3.74
CA TYR A 242 0.66 19.08 4.37
C TYR A 242 1.80 19.64 5.22
N PRO A 243 2.99 19.83 4.59
CA PRO A 243 4.11 20.38 5.36
C PRO A 243 3.75 21.75 5.93
N GLY A 244 4.21 22.00 7.15
CA GLY A 244 4.01 23.30 7.82
C GLY A 244 2.61 23.57 8.34
N VAL A 245 1.76 22.55 8.32
CA VAL A 245 0.36 22.68 8.74
C VAL A 245 0.03 21.79 9.94
N LYS A 246 -0.52 22.39 10.99
CA LYS A 246 -1.04 21.61 12.10
C LYS A 246 -2.41 21.03 11.71
N ILE A 247 -2.61 19.75 11.95
CA ILE A 247 -3.87 19.11 11.55
C ILE A 247 -4.94 19.31 12.63
N ASP A 248 -5.62 20.44 12.53
CA ASP A 248 -6.66 20.83 13.50
C ASP A 248 -7.90 21.38 12.77
N GLU A 249 -8.80 22.03 13.51
CA GLU A 249 -10.06 22.53 12.94
C GLU A 249 -9.89 23.49 11.76
N GLU A 250 -8.83 24.28 11.77
CA GLU A 250 -8.55 25.21 10.66
C GLU A 250 -8.16 24.45 9.39
N PHE A 251 -7.38 23.38 9.56
CA PHE A 251 -7.04 22.49 8.45
C PHE A 251 -8.33 21.95 7.82
N CYS A 252 -9.24 21.47 8.64
CA CYS A 252 -10.52 20.92 8.16
C CYS A 252 -11.38 21.98 7.47
N ARG A 253 -11.43 23.19 8.05
CA ARG A 253 -12.17 24.31 7.46
C ARG A 253 -11.66 24.62 6.06
N ARG A 254 -10.34 24.73 5.93
CA ARG A 254 -9.72 25.09 4.66
C ARG A 254 -9.86 24.00 3.60
N LEU A 255 -9.80 22.75 4.04
CA LEU A 255 -10.01 21.60 3.15
C LEU A 255 -11.43 21.64 2.56
N LYS A 256 -12.40 21.89 3.44
CA LYS A 256 -13.80 22.06 3.04
C LYS A 256 -13.96 23.20 2.02
N GLU A 257 -13.17 24.26 2.22
CA GLU A 257 -13.20 25.46 1.39
C GLU A 257 -12.53 25.27 0.02
N GLY A 258 -11.72 24.22 -0.12
CA GLY A 258 -11.09 23.89 -1.40
C GLY A 258 -9.57 24.01 -1.46
N THR A 259 -8.96 24.34 -0.32
CA THR A 259 -7.49 24.42 -0.24
C THR A 259 -6.88 23.03 -0.39
N ARG A 260 -5.84 22.94 -1.22
CA ARG A 260 -5.18 21.67 -1.52
C ARG A 260 -3.67 21.87 -1.43
N MET A 261 -2.94 20.78 -1.27
CA MET A 261 -1.47 20.84 -1.31
C MET A 261 -0.95 21.38 -2.63
N ARG A 262 0.14 22.15 -2.55
CA ARG A 262 0.87 22.59 -3.73
C ARG A 262 1.59 21.41 -4.38
N ALA A 263 1.95 21.57 -5.65
CA ALA A 263 2.68 20.55 -6.41
C ALA A 263 3.98 20.15 -5.70
N PRO A 264 4.21 18.82 -5.54
CA PRO A 264 5.45 18.35 -4.93
C PRO A 264 6.65 18.47 -5.88
N ASP A 265 7.85 18.32 -5.34
CA ASP A 265 9.08 18.66 -6.05
C ASP A 265 9.38 17.86 -7.32
N TYR A 266 8.84 16.65 -7.41
CA TYR A 266 9.20 15.75 -8.50
C TYR A 266 8.04 15.43 -9.44
N THR A 267 6.94 16.18 -9.31
CA THR A 267 5.75 15.91 -10.13
C THR A 267 5.88 16.41 -11.57
N THR A 268 5.08 15.82 -12.45
CA THR A 268 4.81 16.37 -13.78
C THR A 268 3.50 17.17 -13.66
N PRO A 269 3.23 18.07 -14.63
CA PRO A 269 1.95 18.78 -14.61
C PRO A 269 0.75 17.83 -14.62
N GLU A 270 0.81 16.79 -15.45
CA GLU A 270 -0.27 15.80 -15.57
C GLU A 270 -0.54 15.08 -14.25
N MET A 271 0.53 14.67 -13.56
CA MET A 271 0.39 13.99 -12.27
C MET A 271 -0.19 14.89 -11.20
N TYR A 272 0.19 16.17 -11.22
CA TYR A 272 -0.40 17.11 -10.26
C TYR A 272 -1.90 17.31 -10.52
N GLN A 273 -2.29 17.45 -11.79
CA GLN A 273 -3.71 17.57 -12.12
C GLN A 273 -4.49 16.34 -11.64
N THR A 274 -3.88 15.17 -11.77
CA THR A 274 -4.48 13.93 -11.31
C THR A 274 -4.72 13.95 -9.79
N MET A 275 -3.74 14.44 -9.04
CA MET A 275 -3.94 14.65 -7.60
C MET A 275 -5.16 15.55 -7.35
N LEU A 276 -5.19 16.69 -8.03
CA LEU A 276 -6.30 17.64 -7.87
C LEU A 276 -7.64 16.98 -8.18
N ASP A 277 -7.67 16.17 -9.23
CA ASP A 277 -8.88 15.43 -9.61
C ASP A 277 -9.34 14.50 -8.49
N CYS A 278 -8.40 13.77 -7.89
CA CYS A 278 -8.70 12.85 -6.80
C CYS A 278 -9.21 13.59 -5.57
N TRP A 279 -8.83 14.86 -5.46
CA TRP A 279 -9.20 15.70 -4.33
C TRP A 279 -10.43 16.57 -4.59
N HIS A 280 -11.26 16.17 -5.56
CA HIS A 280 -12.51 16.89 -5.76
C HIS A 280 -13.34 16.84 -4.47
N GLY A 281 -13.99 17.95 -4.13
CA GLY A 281 -14.85 17.99 -2.95
C GLY A 281 -16.01 17.01 -2.99
N GLU A 282 -16.55 16.78 -4.18
CA GLU A 282 -17.68 15.87 -4.38
C GLU A 282 -17.19 14.46 -4.75
N PRO A 283 -17.45 13.47 -3.88
CA PRO A 283 -17.01 12.09 -4.13
C PRO A 283 -17.33 11.57 -5.53
N SER A 284 -18.52 11.88 -6.03
CA SER A 284 -18.96 11.38 -7.34
C SER A 284 -18.20 12.00 -8.51
N GLN A 285 -17.54 13.13 -8.27
CA GLN A 285 -16.81 13.83 -9.33
C GLN A 285 -15.32 13.44 -9.42
N ARG A 286 -14.86 12.66 -8.43
CA ARG A 286 -13.51 12.11 -8.43
C ARG A 286 -13.41 11.00 -9.48
N PRO A 287 -12.22 10.81 -10.09
CA PRO A 287 -12.10 9.68 -11.00
C PRO A 287 -12.28 8.35 -10.26
N THR A 288 -12.73 7.32 -10.97
CA THR A 288 -12.77 5.97 -10.42
C THR A 288 -11.39 5.36 -10.51
N PHE A 289 -11.14 4.29 -9.77
CA PHE A 289 -9.87 3.58 -9.93
C PHE A 289 -9.71 3.04 -11.36
N SER A 290 -10.81 2.58 -11.97
CA SER A 290 -10.75 2.17 -13.38
C SER A 290 -10.26 3.30 -14.29
N GLU A 291 -10.76 4.51 -14.09
CA GLU A 291 -10.32 5.68 -14.86
C GLU A 291 -8.85 6.00 -14.58
N LEU A 292 -8.45 5.89 -13.31
CA LEU A 292 -7.06 6.12 -12.91
C LEU A 292 -6.10 5.11 -13.54
N VAL A 293 -6.50 3.85 -13.58
CA VAL A 293 -5.70 2.81 -14.25
C VAL A 293 -5.50 3.17 -15.73
N GLU A 294 -6.59 3.56 -16.39
CA GLU A 294 -6.53 3.93 -17.81
C GLU A 294 -5.61 5.14 -18.02
N HIS A 295 -5.84 6.19 -17.23
CA HIS A 295 -5.10 7.44 -17.36
C HIS A 295 -3.62 7.25 -17.05
N LEU A 296 -3.35 6.63 -15.90
CA LEU A 296 -1.96 6.40 -15.48
C LEU A 296 -1.21 5.45 -16.41
N GLY A 297 -1.91 4.41 -16.90
CA GLY A 297 -1.33 3.48 -17.87
C GLY A 297 -0.91 4.20 -19.13
N ASN A 298 -1.78 5.08 -19.61
CA ASN A 298 -1.46 5.90 -20.77
C ASN A 298 -0.26 6.85 -20.54
N LEU A 299 -0.24 7.51 -19.39
CA LEU A 299 0.88 8.37 -19.01
C LEU A 299 2.17 7.57 -18.89
N LEU A 300 2.07 6.35 -18.35
CA LEU A 300 3.23 5.48 -18.22
C LEU A 300 3.76 5.07 -19.60
N GLN A 301 2.88 4.64 -20.49
CA GLN A 301 3.28 4.25 -21.83
C GLN A 301 4.01 5.40 -22.54
N ALA A 302 3.44 6.60 -22.48
CA ALA A 302 4.05 7.78 -23.10
C ALA A 302 5.44 7.99 -22.57
N ASN A 303 5.56 7.96 -21.24
CA ASN A 303 6.85 8.15 -20.59
C ASN A 303 7.88 7.08 -20.97
N ALA A 304 7.48 5.82 -20.88
CA ALA A 304 8.36 4.68 -21.13
C ALA A 304 8.87 4.58 -22.57
N GLN A 305 8.11 5.13 -23.51
CA GLN A 305 8.40 4.96 -24.93
C GLN A 305 8.89 6.22 -25.65
N GLN A 306 8.83 7.36 -24.99
CA GLN A 306 9.09 8.64 -25.68
C GLN A 306 10.55 8.84 -26.10
N ASP A 307 11.49 8.30 -25.34
CA ASP A 307 12.90 8.37 -25.72
C ASP A 307 13.23 7.29 -26.73
N ARG A 308 13.50 7.70 -27.97
CA ARG A 308 13.74 6.75 -29.06
C ARG A 308 15.22 6.47 -29.26
N HIS A 309 16.07 6.96 -28.37
CA HIS A 309 17.53 6.83 -28.47
C HIS A 309 17.97 5.43 -28.88
N HIS A 310 17.51 4.42 -28.14
CA HIS A 310 17.90 3.03 -28.37
C HIS A 310 17.07 2.32 -29.44
N HIS A 311 16.24 3.08 -30.15
CA HIS A 311 15.26 2.49 -31.06
C HIS A 311 15.37 2.99 -32.50
N HIS A 312 16.62 3.14 -32.97
CA HIS A 312 16.89 3.46 -34.37
C HIS A 312 16.53 2.28 -35.26
#